data_5E0E
#
_entry.id   5E0E
#
_cell.length_a   144.770
_cell.length_b   144.770
_cell.length_c   104.470
_cell.angle_alpha   90.00
_cell.angle_beta   90.00
_cell.angle_gamma   90.00
#
_symmetry.space_group_name_H-M   'I 41'
#
loop_
_entity.id
_entity.type
_entity.pdbx_description
1 polymer 'Cytochrome P450 family 2 subfamily B'
2 non-polymer 'PROTOPORPHYRIN IX CONTAINING FE'
3 non-polymer 4-(4-CHLOROPHENYL)IMIDAZOLE
4 water water
#
_entity_poly.entity_id   1
_entity_poly.type   'polypeptide(L)'
_entity_poly.pdbx_seq_one_letter_code
;HLPPGPRPLPLLGNLLQMDRGGFLNSFRRIREKYGDVFTVHLGPRPVVMLYGTEAIREALVDQAEAFSGRGTIAVVEPIF
RGYGVVFANGERWKALRRFSLVTMRDFGMGKRSVEERIQEEARCLVEEFRKSQGAPLDPTFLFQCITANIICSIVFGERF
DYKDHQFLRLLYLFYQSFSLISSFSSQVFELFSGFLKYFPGTHRQISRNLQEILDYIGQSVEKHRATLDPSHPRDFIDTY
LLRMEKEKSNQHTEFDHQNLVISVLSLFFAGTETSSTTLRYGFLLMLKYPHVAEKVQKEIDQVIGSHRLPTLEDRTKMPY
TEAVIYEIQRFSDLIPIGVPHKVTKDTLFRGYLLPKNTEVYPILSSALHDPQYFEQPDTFNPDHFLDANGALKKSEAFMP
FSIGKRICLGEGIARNELFLFFTTILQNFSLSSPVAPKDIDLSPKESGFGKVPQTYQICFLAR
;
_entity_poly.pdbx_strand_id   A
#
# COMPACT_ATOMS: atom_id res chain seq x y z
N HIS A 1 -1.76 22.83 25.33
CA HIS A 1 -2.77 22.77 24.27
C HIS A 1 -2.65 21.48 23.47
N LEU A 2 -1.43 21.10 23.14
CA LEU A 2 -1.17 19.86 22.37
C LEU A 2 -1.63 18.64 23.18
N PRO A 3 -2.07 17.58 22.55
CA PRO A 3 -2.51 16.44 23.33
C PRO A 3 -1.45 15.85 24.19
N PRO A 4 -1.82 15.32 25.32
CA PRO A 4 -0.88 15.01 26.40
C PRO A 4 0.07 13.93 25.95
N GLY A 5 1.11 13.66 26.73
CA GLY A 5 2.00 12.52 26.42
C GLY A 5 3.17 12.33 27.38
N PRO A 6 4.16 11.53 26.96
CA PRO A 6 5.39 11.37 27.72
C PRO A 6 6.38 12.51 27.54
N ARG A 7 6.82 13.07 28.65
CA ARG A 7 7.84 14.10 28.67
C ARG A 7 9.04 13.65 27.85
N PRO A 8 9.48 14.48 26.92
CA PRO A 8 10.53 14.08 26.01
C PRO A 8 11.93 14.41 26.51
N LEU A 9 12.94 13.69 26.04
CA LEU A 9 14.32 14.14 26.12
C LEU A 9 14.40 15.34 25.19
N PRO A 10 15.27 16.32 25.50
CA PRO A 10 15.11 17.51 24.75
C PRO A 10 15.66 17.38 23.33
N LEU A 11 16.42 16.32 23.03
CA LEU A 11 17.02 16.21 21.70
C LEU A 11 16.47 15.03 20.89
N LEU A 12 16.27 13.91 21.59
CA LEU A 12 15.84 12.66 21.01
C LEU A 12 14.34 12.53 21.16
N GLY A 13 13.81 13.19 22.19
CA GLY A 13 12.38 13.13 22.47
C GLY A 13 12.10 11.83 23.17
N ASN A 14 11.34 10.97 22.52
CA ASN A 14 10.99 9.71 23.13
C ASN A 14 11.59 8.50 22.46
N LEU A 15 12.44 8.72 21.47
CA LEU A 15 13.06 7.62 20.73
C LEU A 15 13.72 6.59 21.64
N LEU A 16 14.01 6.98 22.87
CA LEU A 16 14.56 6.05 23.85
C LEU A 16 13.41 5.25 24.44
N GLN A 17 12.34 5.97 24.78
CA GLN A 17 11.09 5.40 25.27
C GLN A 17 10.45 4.33 24.35
N MET A 18 11.07 4.00 23.22
CA MET A 18 10.38 3.15 22.27
C MET A 18 10.79 1.64 22.34
N ASP A 19 12.16 1.64 22.28
CA ASP A 19 12.80 0.33 22.23
C ASP A 19 12.10 -0.71 23.09
N ARG A 20 11.64 -0.27 24.26
CA ARG A 20 11.00 -1.16 25.26
C ARG A 20 9.97 -1.95 24.42
N GLY A 21 10.28 -3.23 24.20
CA GLY A 21 9.47 -4.09 23.33
C GLY A 21 9.43 -3.57 21.90
N GLY A 22 8.34 -3.83 21.19
CA GLY A 22 8.16 -3.37 19.81
C GLY A 22 7.93 -1.87 19.76
N PHE A 23 8.22 -1.27 18.62
CA PHE A 23 8.09 0.17 18.41
C PHE A 23 6.65 0.57 18.11
N LEU A 24 5.74 -0.29 18.56
CA LEU A 24 4.32 -0.11 18.36
C LEU A 24 3.61 -0.52 19.63
N ASN A 25 4.16 -1.51 20.33
CA ASN A 25 3.60 -1.87 21.62
C ASN A 25 4.01 -0.77 22.59
N SER A 26 5.19 -0.23 22.30
CA SER A 26 5.67 0.98 22.91
C SER A 26 4.55 2.00 22.89
N PHE A 27 3.88 2.13 21.74
CA PHE A 27 2.70 2.97 21.65
C PHE A 27 1.58 2.40 22.54
N ARG A 28 1.27 1.12 22.37
CA ARG A 28 0.22 0.44 23.15
C ARG A 28 0.29 0.88 24.61
N ARG A 29 1.46 0.71 25.22
CA ARG A 29 1.66 1.16 26.60
C ARG A 29 1.32 2.63 26.81
N ILE A 30 1.74 3.48 25.86
CA ILE A 30 1.65 4.93 26.01
C ILE A 30 0.30 5.47 25.56
N ARG A 31 -0.62 4.57 25.32
CA ARG A 31 -2.02 4.83 25.43
C ARG A 31 -2.14 4.88 26.92
N GLU A 32 -3.31 5.25 27.44
CA GLU A 32 -3.43 5.20 28.88
C GLU A 32 -2.58 4.03 29.23
N LYS A 33 -1.43 4.31 29.83
CA LYS A 33 -1.22 5.59 30.46
C LYS A 33 -1.70 6.98 30.04
N TYR A 34 -1.65 7.28 28.76
CA TYR A 34 -2.03 8.61 28.34
C TYR A 34 -3.36 8.85 27.62
N GLY A 35 -4.11 7.82 27.27
CA GLY A 35 -5.38 8.02 26.57
C GLY A 35 -5.35 7.52 25.15
N ASP A 36 -6.24 8.03 24.28
CA ASP A 36 -6.50 7.46 22.93
C ASP A 36 -5.89 8.23 21.82
N VAL A 37 -5.51 9.46 22.13
CA VAL A 37 -4.83 10.33 21.17
C VAL A 37 -3.85 11.17 21.98
N PHE A 38 -2.58 10.96 21.74
CA PHE A 38 -1.55 11.56 22.56
C PHE A 38 -0.50 12.10 21.63
N THR A 39 0.44 12.85 22.16
CA THR A 39 1.58 13.17 21.33
C THR A 39 2.85 12.48 21.80
N VAL A 40 3.73 12.29 20.81
CA VAL A 40 5.05 11.73 20.98
C VAL A 40 6.02 12.58 20.17
N HIS A 41 7.20 12.78 20.72
CA HIS A 41 8.18 13.54 19.99
C HIS A 41 9.22 12.61 19.43
N LEU A 42 9.05 12.31 18.14
CA LEU A 42 10.02 11.52 17.41
C LEU A 42 11.11 12.50 17.04
N GLY A 43 12.34 12.18 17.42
CA GLY A 43 13.44 13.09 17.17
C GLY A 43 13.02 14.40 17.77
N PRO A 44 12.95 15.44 16.97
CA PRO A 44 12.45 16.72 17.45
C PRO A 44 11.08 17.05 16.93
N ARG A 45 10.42 16.04 16.41
CA ARG A 45 9.19 16.18 15.64
C ARG A 45 7.96 15.77 16.46
N PRO A 46 7.20 16.75 16.98
CA PRO A 46 5.94 16.54 17.68
C PRO A 46 4.92 15.82 16.80
N VAL A 47 4.39 14.70 17.26
CA VAL A 47 3.47 13.96 16.43
C VAL A 47 2.30 13.51 17.25
N VAL A 48 1.12 13.90 16.80
CA VAL A 48 -0.11 13.38 17.39
C VAL A 48 -0.36 11.98 16.89
N MET A 49 -1.01 11.18 17.71
CA MET A 49 -1.17 9.79 17.39
C MET A 49 -2.59 9.35 17.63
N LEU A 50 -3.41 9.39 16.59
CA LEU A 50 -4.77 8.87 16.71
C LEU A 50 -4.67 7.36 16.86
N TYR A 51 -5.34 6.85 17.87
CA TYR A 51 -5.25 5.44 18.23
C TYR A 51 -6.62 4.85 18.49
N GLY A 52 -7.03 3.95 17.61
CA GLY A 52 -8.25 3.21 17.82
C GLY A 52 -9.33 3.73 16.95
N THR A 53 -10.08 2.81 16.33
CA THR A 53 -11.07 3.15 15.33
C THR A 53 -11.78 4.46 15.61
N GLU A 54 -12.49 4.52 16.74
CA GLU A 54 -13.29 5.69 17.06
C GLU A 54 -12.48 6.97 16.99
N ALA A 55 -11.31 7.00 17.61
CA ALA A 55 -10.51 8.23 17.68
C ALA A 55 -9.94 8.61 16.30
N ILE A 56 -9.46 7.62 15.56
CA ILE A 56 -9.01 7.78 14.18
C ILE A 56 -10.11 8.41 13.32
N ARG A 57 -11.25 7.73 13.25
CA ARG A 57 -12.36 8.22 12.48
C ARG A 57 -12.83 9.64 12.83
N GLU A 58 -13.29 9.84 14.05
CA GLU A 58 -13.68 11.14 14.56
C GLU A 58 -12.83 12.26 13.98
N ALA A 59 -11.51 12.10 14.01
CA ALA A 59 -10.58 13.07 13.43
C ALA A 59 -10.52 13.01 11.91
N LEU A 60 -10.12 11.86 11.38
CA LEU A 60 -9.88 11.74 9.95
C LEU A 60 -11.14 11.76 9.09
N VAL A 61 -12.30 11.53 9.70
CA VAL A 61 -13.54 11.49 8.93
C VAL A 61 -14.48 12.68 9.21
N ASP A 62 -14.76 12.92 10.48
CA ASP A 62 -15.71 13.93 10.87
C ASP A 62 -15.07 15.29 10.90
N GLN A 63 -13.74 15.30 10.93
CA GLN A 63 -13.00 16.52 10.67
C GLN A 63 -12.05 16.34 9.49
N ALA A 64 -12.54 15.64 8.48
CA ALA A 64 -11.70 15.15 7.39
C ALA A 64 -10.86 16.22 6.69
N GLU A 65 -11.42 17.42 6.61
CA GLU A 65 -10.79 18.46 5.85
C GLU A 65 -9.58 18.96 6.59
N ALA A 66 -9.66 18.94 7.92
CA ALA A 66 -8.62 19.51 8.72
C ALA A 66 -7.50 18.54 8.72
N PHE A 67 -7.85 17.26 8.77
CA PHE A 67 -6.86 16.21 8.91
C PHE A 67 -6.31 15.64 7.59
N SER A 68 -6.77 16.19 6.48
CA SER A 68 -6.46 15.67 5.15
C SER A 68 -5.08 15.98 4.58
N GLY A 69 -4.31 16.82 5.27
CA GLY A 69 -2.97 17.19 4.82
C GLY A 69 -1.90 16.14 5.06
N ARG A 70 -0.97 16.03 4.14
CA ARG A 70 0.06 15.00 4.12
C ARG A 70 1.25 15.44 4.94
N GLY A 71 1.61 14.62 5.95
CA GLY A 71 2.79 14.82 6.82
C GLY A 71 4.15 14.76 6.10
N THR A 72 5.22 15.11 6.82
CA THR A 72 6.59 15.03 6.28
C THR A 72 7.07 13.59 6.28
N ILE A 73 7.59 13.09 5.16
CA ILE A 73 8.47 11.94 5.29
C ILE A 73 9.83 12.14 4.66
N ALA A 74 10.69 12.72 5.48
CA ALA A 74 11.89 13.41 5.08
C ALA A 74 12.96 12.64 4.31
N VAL A 75 12.88 11.32 4.23
CA VAL A 75 13.97 10.53 3.67
C VAL A 75 13.83 10.36 2.17
N VAL A 76 12.60 10.17 1.78
CA VAL A 76 12.32 9.96 0.41
C VAL A 76 11.88 11.31 -0.18
N GLU A 77 11.79 12.32 0.65
CA GLU A 77 11.33 13.57 0.14
C GLU A 77 12.29 14.24 -0.81
N PRO A 78 13.54 14.38 -0.45
CA PRO A 78 14.40 15.18 -1.32
C PRO A 78 14.17 14.95 -2.84
N ILE A 79 13.66 13.77 -3.13
CA ILE A 79 13.29 13.41 -4.48
C ILE A 79 11.84 13.77 -4.79
N PHE A 80 10.86 13.07 -4.22
CA PHE A 80 9.44 13.41 -4.43
C PHE A 80 9.16 14.91 -4.34
N ARG A 81 10.03 15.56 -3.60
CA ARG A 81 10.20 16.99 -3.61
C ARG A 81 8.84 17.63 -3.78
N GLY A 82 7.83 17.08 -3.16
CA GLY A 82 6.61 17.78 -2.84
C GLY A 82 5.67 17.86 -4.02
N TYR A 83 5.86 16.95 -4.94
CA TYR A 83 5.07 16.82 -6.14
C TYR A 83 4.36 15.51 -6.21
N GLY A 84 3.37 15.47 -7.07
CA GLY A 84 2.73 14.23 -7.37
C GLY A 84 1.83 13.80 -6.25
N VAL A 85 0.94 12.83 -6.51
CA VAL A 85 -0.11 12.44 -5.54
C VAL A 85 0.00 11.21 -4.58
N VAL A 86 0.78 11.48 -3.56
CA VAL A 86 0.87 10.73 -2.37
C VAL A 86 0.97 12.05 -1.68
N PHE A 87 1.99 12.79 -2.08
CA PHE A 87 2.87 13.69 -1.40
C PHE A 87 2.60 15.15 -1.54
N ALA A 88 1.63 15.54 -2.36
CA ALA A 88 1.32 16.97 -2.48
C ALA A 88 0.41 17.32 -1.36
N ASN A 89 0.43 18.59 -0.99
CA ASN A 89 -0.64 19.11 -0.17
C ASN A 89 -1.37 20.11 -1.03
N GLY A 90 -2.16 20.98 -0.43
CA GLY A 90 -2.75 22.11 -1.15
C GLY A 90 -3.66 21.75 -2.31
N GLU A 91 -3.91 22.76 -3.14
CA GLU A 91 -4.75 22.60 -4.32
C GLU A 91 -4.12 21.55 -5.25
N ARG A 92 -2.80 21.66 -5.45
CA ARG A 92 -2.03 20.65 -6.20
C ARG A 92 -2.54 19.25 -5.86
N TRP A 93 -2.48 18.86 -4.59
CA TRP A 93 -3.03 17.59 -4.16
C TRP A 93 -4.50 17.32 -4.45
N LYS A 94 -5.36 18.27 -4.08
CA LYS A 94 -6.79 18.15 -4.36
C LYS A 94 -7.09 18.11 -5.86
N ALA A 95 -6.12 18.50 -6.68
CA ALA A 95 -6.33 18.53 -8.11
C ALA A 95 -5.70 17.34 -8.83
N LEU A 96 -4.53 16.91 -8.39
CA LEU A 96 -3.90 15.77 -9.04
C LEU A 96 -4.69 14.52 -8.72
N ARG A 97 -5.23 14.49 -7.52
CA ARG A 97 -5.97 13.35 -7.04
C ARG A 97 -7.29 13.28 -7.82
N ARG A 98 -7.97 14.43 -7.93
CA ARG A 98 -9.13 14.55 -8.82
C ARG A 98 -8.86 14.00 -10.24
N PHE A 99 -7.78 14.46 -10.90
CA PHE A 99 -7.31 13.90 -12.18
C PHE A 99 -7.19 12.39 -12.12
N SER A 100 -6.38 11.93 -11.17
CA SER A 100 -6.00 10.53 -11.11
C SER A 100 -7.19 9.63 -11.01
N LEU A 101 -8.22 10.05 -10.28
CA LEU A 101 -9.43 9.24 -10.11
C LEU A 101 -10.29 9.18 -11.37
N VAL A 102 -10.51 10.33 -12.00
CA VAL A 102 -11.37 10.41 -13.16
C VAL A 102 -10.72 9.51 -14.15
N THR A 103 -9.40 9.57 -14.21
CA THR A 103 -8.65 8.81 -15.20
C THR A 103 -8.56 7.27 -15.03
N MET A 104 -9.09 6.73 -13.94
CA MET A 104 -9.48 5.32 -13.86
C MET A 104 -10.97 5.34 -13.95
N ARG A 105 -11.61 4.18 -13.90
CA ARG A 105 -13.05 4.11 -14.07
C ARG A 105 -13.35 4.47 -15.52
N ASP A 106 -12.91 5.66 -15.91
CA ASP A 106 -12.92 6.06 -17.30
C ASP A 106 -11.56 5.73 -17.84
N PHE A 107 -11.00 4.61 -17.40
CA PHE A 107 -9.82 4.03 -18.02
C PHE A 107 -10.32 2.99 -19.00
N GLY A 108 -11.46 2.38 -18.67
CA GLY A 108 -12.15 1.44 -19.55
C GLY A 108 -12.51 2.05 -20.90
N MET A 109 -12.75 1.18 -21.88
CA MET A 109 -13.25 1.50 -23.26
C MET A 109 -12.65 2.65 -24.19
N GLY A 110 -11.41 2.54 -24.62
CA GLY A 110 -10.59 1.39 -24.34
C GLY A 110 -9.54 1.39 -25.43
N LYS A 111 -8.65 0.43 -25.38
CA LYS A 111 -8.62 -0.60 -24.35
C LYS A 111 -7.30 -0.52 -23.54
N ARG A 112 -7.25 -1.09 -22.38
CA ARG A 112 -7.97 -2.32 -22.17
C ARG A 112 -9.04 -2.08 -21.13
N SER A 113 -8.61 -2.32 -19.90
CA SER A 113 -9.50 -2.22 -18.75
C SER A 113 -8.31 -2.59 -17.88
N VAL A 114 -8.34 -2.10 -16.63
CA VAL A 114 -7.61 -2.59 -15.48
C VAL A 114 -7.92 -4.07 -15.14
N GLU A 115 -9.20 -4.44 -15.29
CA GLU A 115 -9.70 -5.80 -15.09
C GLU A 115 -9.10 -6.78 -16.06
N GLU A 116 -9.28 -6.51 -17.35
CA GLU A 116 -8.67 -7.31 -18.41
C GLU A 116 -7.18 -7.39 -18.14
N ARG A 117 -6.59 -6.25 -17.82
CA ARG A 117 -5.18 -6.14 -17.58
C ARG A 117 -4.73 -6.98 -16.42
N ILE A 118 -5.51 -7.06 -15.36
CA ILE A 118 -5.06 -7.86 -14.23
C ILE A 118 -5.15 -9.34 -14.59
N GLN A 119 -6.21 -9.70 -15.31
CA GLN A 119 -6.42 -11.06 -15.77
C GLN A 119 -5.28 -11.44 -16.69
N GLU A 120 -4.96 -10.57 -17.64
CA GLU A 120 -3.85 -10.80 -18.57
C GLU A 120 -2.60 -11.23 -17.81
N GLU A 121 -2.30 -10.49 -16.74
CA GLU A 121 -1.16 -10.75 -15.89
C GLU A 121 -1.37 -12.05 -15.13
N ALA A 122 -2.60 -12.27 -14.68
CA ALA A 122 -2.95 -13.52 -14.03
C ALA A 122 -2.74 -14.76 -14.93
N ARG A 123 -3.31 -14.75 -16.14
CA ARG A 123 -3.05 -15.81 -17.12
C ARG A 123 -1.58 -16.11 -17.01
N CYS A 124 -0.77 -15.06 -17.18
CA CYS A 124 0.68 -15.17 -17.15
C CYS A 124 1.23 -15.76 -15.85
N LEU A 125 0.72 -15.30 -14.71
CA LEU A 125 1.20 -15.77 -13.41
C LEU A 125 1.02 -17.28 -13.28
N VAL A 126 -0.19 -17.72 -13.61
CA VAL A 126 -0.52 -19.13 -13.65
C VAL A 126 0.49 -19.81 -14.56
N GLU A 127 0.53 -19.37 -15.82
CA GLU A 127 1.38 -19.94 -16.87
C GLU A 127 2.82 -20.16 -16.39
N GLU A 128 3.41 -19.10 -15.86
CA GLU A 128 4.73 -19.16 -15.27
C GLU A 128 4.78 -20.12 -14.07
N PHE A 129 3.69 -20.19 -13.32
CA PHE A 129 3.63 -21.02 -12.12
C PHE A 129 3.56 -22.52 -12.43
N ARG A 130 2.87 -22.86 -13.51
CA ARG A 130 2.67 -24.26 -13.88
C ARG A 130 4.00 -24.95 -14.10
N LYS A 131 4.99 -24.19 -14.55
CA LYS A 131 6.27 -24.72 -15.05
C LYS A 131 7.08 -25.48 -14.01
N SER A 132 7.07 -24.98 -12.78
CA SER A 132 7.78 -25.65 -11.68
C SER A 132 7.11 -26.99 -11.38
N GLN A 133 5.78 -27.00 -11.35
CA GLN A 133 5.02 -28.22 -11.09
C GLN A 133 5.05 -29.35 -10.07
N GLY A 134 4.92 -28.99 -8.80
CA GLY A 134 5.36 -29.73 -7.63
C GLY A 134 6.61 -29.17 -6.99
N ALA A 135 7.51 -28.64 -7.81
CA ALA A 135 8.78 -28.11 -7.30
C ALA A 135 8.62 -26.82 -6.49
N PRO A 136 8.90 -26.89 -5.18
CA PRO A 136 8.61 -25.79 -4.28
C PRO A 136 9.36 -24.50 -4.65
N LEU A 137 8.75 -23.33 -4.43
CA LEU A 137 9.46 -22.08 -4.73
C LEU A 137 8.95 -20.80 -4.06
N ASP A 138 9.87 -20.02 -3.51
CA ASP A 138 9.55 -18.70 -2.96
C ASP A 138 8.91 -17.83 -4.05
N PRO A 139 7.60 -17.66 -3.96
CA PRO A 139 6.86 -16.84 -4.92
C PRO A 139 6.77 -15.39 -4.48
N THR A 140 7.78 -14.94 -3.71
CA THR A 140 7.81 -13.57 -3.21
C THR A 140 8.19 -12.59 -4.32
N PHE A 141 8.79 -13.06 -5.37
CA PHE A 141 9.31 -12.23 -6.46
C PHE A 141 8.36 -12.09 -7.66
N LEU A 142 7.52 -13.12 -7.87
CA LEU A 142 6.61 -13.11 -9.01
C LEU A 142 5.41 -12.33 -8.51
N PHE A 143 5.16 -12.41 -7.21
CA PHE A 143 4.18 -11.54 -6.57
C PHE A 143 4.66 -10.10 -6.73
N GLN A 144 5.96 -9.82 -6.64
CA GLN A 144 6.42 -8.42 -6.86
C GLN A 144 6.44 -7.92 -8.35
N CYS A 145 6.54 -8.87 -9.22
CA CYS A 145 6.58 -8.72 -10.65
C CYS A 145 5.16 -8.63 -11.14
N ILE A 146 4.21 -9.30 -10.46
CA ILE A 146 2.85 -9.16 -10.95
C ILE A 146 2.20 -7.87 -10.47
N THR A 147 2.48 -7.53 -9.21
CA THR A 147 1.97 -6.27 -8.70
C THR A 147 2.55 -5.09 -9.46
N ALA A 148 3.85 -5.16 -9.72
CA ALA A 148 4.53 -4.04 -10.32
C ALA A 148 4.11 -3.95 -11.75
N ASN A 149 3.79 -5.09 -12.36
CA ASN A 149 3.48 -5.11 -13.78
C ASN A 149 2.25 -4.32 -14.04
N ILE A 150 1.24 -4.51 -13.20
CA ILE A 150 -0.03 -3.77 -13.29
C ILE A 150 0.15 -2.27 -13.39
N ILE A 151 0.92 -1.70 -12.45
CA ILE A 151 1.24 -0.29 -12.47
C ILE A 151 1.88 0.12 -13.79
N CYS A 152 2.81 -0.69 -14.29
CA CYS A 152 3.42 -0.42 -15.59
C CYS A 152 2.34 -0.35 -16.63
N SER A 153 1.51 -1.38 -16.69
CA SER A 153 0.45 -1.40 -17.68
C SER A 153 -0.34 -0.09 -17.65
N ILE A 154 -0.78 0.33 -16.47
CA ILE A 154 -1.53 1.57 -16.26
C ILE A 154 -0.75 2.84 -16.62
N VAL A 155 0.47 2.96 -16.14
CA VAL A 155 1.17 4.19 -16.37
C VAL A 155 1.90 4.20 -17.70
N PHE A 156 2.53 3.09 -18.06
CA PHE A 156 3.36 3.04 -19.26
C PHE A 156 2.61 2.56 -20.45
N GLY A 157 1.59 1.76 -20.20
CA GLY A 157 0.73 1.26 -21.24
C GLY A 157 0.85 -0.22 -21.55
N GLU A 158 1.93 -0.85 -21.13
CA GLU A 158 2.14 -2.27 -21.41
C GLU A 158 2.82 -3.00 -20.26
N ARG A 159 2.63 -4.31 -20.20
CA ARG A 159 3.25 -5.12 -19.16
C ARG A 159 4.53 -5.78 -19.68
N PHE A 160 5.56 -5.83 -18.84
CA PHE A 160 6.85 -6.43 -19.25
C PHE A 160 6.91 -7.94 -19.03
N ASP A 161 7.75 -8.64 -19.81
CA ASP A 161 8.00 -10.05 -19.49
C ASP A 161 8.80 -10.01 -18.23
N TYR A 162 8.49 -10.90 -17.31
CA TYR A 162 9.27 -11.04 -16.09
C TYR A 162 10.77 -11.09 -16.42
N LYS A 163 11.15 -11.88 -17.43
CA LYS A 163 12.57 -12.06 -17.78
C LYS A 163 13.27 -10.76 -18.28
N ASP A 164 12.52 -9.66 -18.34
CA ASP A 164 13.01 -8.49 -19.05
C ASP A 164 14.11 -7.74 -18.35
N HIS A 165 15.11 -7.36 -19.12
CA HIS A 165 16.25 -6.68 -18.57
C HIS A 165 15.98 -5.35 -17.93
N GLN A 166 15.10 -4.54 -18.49
CA GLN A 166 14.83 -3.23 -17.88
C GLN A 166 14.01 -3.42 -16.59
N PHE A 167 12.93 -4.16 -16.75
CA PHE A 167 11.96 -4.49 -15.71
C PHE A 167 12.66 -5.02 -14.47
N LEU A 168 13.58 -5.93 -14.67
CA LEU A 168 14.32 -6.48 -13.57
C LEU A 168 15.18 -5.39 -12.96
N ARG A 169 15.86 -4.61 -13.80
CA ARG A 169 16.90 -3.71 -13.30
C ARG A 169 16.25 -2.43 -12.84
N LEU A 170 14.99 -2.61 -12.46
CA LEU A 170 14.04 -1.56 -12.17
C LEU A 170 13.27 -2.00 -10.94
N LEU A 171 12.95 -3.29 -10.96
CA LEU A 171 12.37 -3.92 -9.81
C LEU A 171 13.43 -3.91 -8.73
N TYR A 172 14.68 -3.54 -9.06
CA TYR A 172 15.62 -3.54 -7.96
C TYR A 172 16.58 -2.38 -7.96
CA LEU A 173 15.92 -1.20 -7.43
C LEU A 173 14.85 -0.70 -6.47
N PHE A 174 13.60 -0.71 -6.91
CA PHE A 174 12.49 -0.26 -6.08
C PHE A 174 12.57 -0.96 -4.76
N TYR A 175 12.59 -2.28 -4.78
CA TYR A 175 12.49 -3.02 -3.54
C TYR A 175 13.69 -2.88 -2.63
N GLN A 176 14.87 -2.72 -3.21
CA GLN A 176 16.08 -2.38 -2.45
C GLN A 176 15.92 -0.97 -1.89
N SER A 177 15.53 -0.03 -2.76
CA SER A 177 15.26 1.32 -2.33
C SER A 177 14.34 1.16 -1.14
N PHE A 178 13.22 0.48 -1.29
CA PHE A 178 12.37 0.28 -0.12
C PHE A 178 13.19 -0.22 1.06
N SER A 179 13.88 -1.34 0.83
CA SER A 179 14.72 -1.95 1.85
C SER A 179 15.56 -0.92 2.60
N LEU A 180 16.26 -0.06 1.86
CA LEU A 180 17.07 1.02 2.44
C LEU A 180 16.31 2.04 3.26
N ILE A 181 15.17 2.49 2.75
CA ILE A 181 14.39 3.49 3.47
C ILE A 181 13.99 2.92 4.79
N SER A 182 13.91 1.60 4.84
CA SER A 182 13.54 0.93 6.05
C SER A 182 14.75 0.40 6.77
N SER A 183 15.73 1.26 7.05
CA SER A 183 16.94 0.78 7.71
C SER A 183 17.26 1.73 8.83
N PHE A 184 18.19 1.39 9.71
CA PHE A 184 18.45 2.29 10.82
C PHE A 184 18.87 3.67 10.32
N SER A 185 19.88 3.71 9.46
CA SER A 185 20.43 5.00 9.04
C SER A 185 19.43 5.85 8.31
N SER A 186 18.41 5.22 7.75
CA SER A 186 17.32 5.99 7.20
C SER A 186 16.46 6.54 8.33
N GLN A 187 16.09 5.71 9.29
CA GLN A 187 15.25 6.19 10.36
C GLN A 187 15.91 7.35 11.08
N VAL A 188 17.22 7.28 11.25
CA VAL A 188 17.91 8.38 11.89
C VAL A 188 17.77 9.56 10.98
N PHE A 189 18.03 9.35 9.70
CA PHE A 189 18.00 10.45 8.76
C PHE A 189 16.63 11.10 8.80
N GLU A 190 15.60 10.27 8.80
CA GLU A 190 14.24 10.73 8.74
C GLU A 190 14.04 11.86 9.70
N LEU A 191 14.69 11.76 10.85
CA LEU A 191 14.48 12.70 11.96
C LEU A 191 15.53 13.80 12.02
N PHE A 192 16.77 13.46 11.74
CA PHE A 192 17.84 14.43 11.74
C PHE A 192 18.41 14.72 10.37
N SER A 193 17.53 14.77 9.35
CA SER A 193 17.98 15.08 7.99
C SER A 193 18.67 16.43 7.97
N GLY A 194 18.22 17.36 8.81
CA GLY A 194 18.81 18.69 8.88
C GLY A 194 20.32 18.60 9.04
N PHE A 195 20.74 17.66 9.86
CA PHE A 195 22.14 17.51 10.15
C PHE A 195 22.84 16.59 9.14
N LEU A 196 22.18 15.49 8.78
CA LEU A 196 22.84 14.44 7.99
C LEU A 196 22.78 14.61 6.47
N LYS A 197 21.92 15.51 6.01
CA LYS A 197 21.90 16.06 4.64
C LYS A 197 23.34 16.13 4.04
N TYR A 198 24.22 16.78 4.79
CA TYR A 198 25.52 17.20 4.35
C TYR A 198 26.55 16.10 4.24
N PHE A 199 26.31 14.97 4.87
CA PHE A 199 27.29 13.89 4.87
C PHE A 199 26.72 12.69 4.17
N PRO A 200 27.58 11.87 3.53
CA PRO A 200 27.14 10.73 2.70
C PRO A 200 26.43 9.64 3.50
N GLY A 201 26.02 8.58 2.83
CA GLY A 201 25.31 7.49 3.49
C GLY A 201 23.99 7.16 2.85
N THR A 202 23.30 6.15 3.38
CA THR A 202 22.21 5.53 2.66
C THR A 202 21.13 6.48 2.18
N HIS A 203 20.98 7.64 2.80
CA HIS A 203 20.03 8.63 2.29
C HIS A 203 20.36 9.08 0.85
N ARG A 204 21.64 9.22 0.51
CA ARG A 204 22.05 9.47 -0.86
C ARG A 204 21.80 8.23 -1.70
N GLN A 205 22.46 7.11 -1.34
CA GLN A 205 22.29 5.85 -2.05
C GLN A 205 20.82 5.58 -2.37
N ILE A 206 19.93 5.91 -1.44
CA ILE A 206 18.48 5.84 -1.68
C ILE A 206 18.11 6.75 -2.83
N SER A 207 18.40 8.04 -2.70
CA SER A 207 18.02 9.00 -3.72
C SER A 207 18.59 8.67 -5.12
N ARG A 208 19.86 8.25 -5.18
CA ARG A 208 20.44 7.81 -6.47
C ARG A 208 19.60 6.72 -7.13
N ASN A 209 19.00 5.65 -6.48
CA ASN A 209 18.15 4.65 -7.09
C ASN A 209 16.90 5.28 -7.61
N LEU A 210 16.22 6.04 -6.77
CA LEU A 210 15.03 6.74 -7.19
C LEU A 210 15.38 7.61 -8.41
N GLN A 211 16.50 8.32 -8.36
CA GLN A 211 16.85 9.19 -9.50
C GLN A 211 16.84 8.39 -10.79
N GLU A 212 17.47 7.23 -10.74
CA GLU A 212 17.54 6.32 -11.87
C GLU A 212 16.14 6.02 -12.39
N ILE A 213 15.26 5.55 -11.50
CA ILE A 213 13.88 5.27 -11.88
C ILE A 213 13.24 6.45 -12.62
N LEU A 214 13.57 7.66 -12.20
CA LEU A 214 13.03 8.87 -12.80
C LEU A 214 13.48 9.08 -14.25
N ASP A 215 14.78 8.84 -14.50
CA ASP A 215 15.35 9.05 -15.78
C ASP A 215 14.71 8.06 -16.68
N TYR A 216 14.36 6.88 -16.18
CA TYR A 216 13.56 5.95 -16.98
C TYR A 216 12.19 6.53 -17.32
N ILE A 217 11.52 7.00 -16.29
CA ILE A 217 10.19 7.52 -16.43
C ILE A 217 10.21 8.64 -17.47
N GLY A 218 11.07 9.64 -17.25
CA GLY A 218 11.14 10.82 -18.11
C GLY A 218 11.45 10.49 -19.54
N GLN A 219 12.24 9.42 -19.67
CA GLN A 219 12.68 8.87 -20.93
C GLN A 219 11.45 8.33 -21.62
N SER A 220 10.76 7.40 -20.95
CA SER A 220 9.48 6.85 -21.42
C SER A 220 8.45 7.93 -21.82
N VAL A 221 8.53 9.08 -21.17
CA VAL A 221 7.60 10.15 -21.46
C VAL A 221 7.87 10.79 -22.83
N GLU A 222 9.14 10.93 -23.21
CA GLU A 222 9.46 11.43 -24.54
C GLU A 222 8.96 10.50 -25.59
N LYS A 223 9.36 9.23 -25.42
CA LYS A 223 8.96 8.17 -26.30
C LYS A 223 7.47 8.32 -26.45
N HIS A 224 6.76 8.56 -25.34
CA HIS A 224 5.32 8.75 -25.33
C HIS A 224 4.86 9.96 -26.13
N ARG A 225 5.56 11.08 -26.00
CA ARG A 225 5.16 12.29 -26.69
C ARG A 225 5.45 12.21 -28.17
N ALA A 226 6.43 11.41 -28.53
CA ALA A 226 6.77 11.17 -29.94
C ALA A 226 5.70 10.33 -30.58
N THR A 227 5.47 9.16 -29.99
CA THR A 227 4.40 8.28 -30.41
C THR A 227 2.99 8.83 -30.13
N LEU A 228 2.90 9.86 -29.29
CA LEU A 228 1.59 10.36 -28.81
C LEU A 228 0.55 10.43 -29.87
N ASP A 229 -0.57 9.77 -29.59
CA ASP A 229 -1.74 9.75 -30.47
C ASP A 229 -2.96 10.24 -29.69
N PRO A 230 -3.44 11.47 -30.01
CA PRO A 230 -4.51 12.10 -29.26
C PRO A 230 -5.76 11.23 -29.29
N SER A 231 -6.02 10.59 -30.43
CA SER A 231 -7.16 9.69 -30.56
C SER A 231 -7.06 8.49 -29.59
N HIS A 232 -6.02 7.66 -29.72
CA HIS A 232 -5.83 6.56 -28.79
C HIS A 232 -4.81 6.93 -27.72
N PRO A 233 -5.32 7.31 -26.54
CA PRO A 233 -4.48 7.63 -25.39
C PRO A 233 -4.05 6.33 -24.76
N ARG A 234 -2.76 6.05 -24.78
CA ARG A 234 -2.31 4.70 -24.50
C ARG A 234 -2.46 4.31 -23.01
N ASP A 235 -2.24 5.32 -22.16
CA ASP A 235 -2.17 5.06 -20.75
C ASP A 235 -2.18 6.35 -19.98
N PHE A 236 -1.80 6.29 -18.72
CA PHE A 236 -1.84 7.44 -17.85
C PHE A 236 -0.97 8.54 -18.41
N ILE A 237 0.27 8.19 -18.75
CA ILE A 237 1.22 9.14 -19.31
C ILE A 237 0.53 9.89 -20.43
N ASP A 238 0.12 9.14 -21.44
CA ASP A 238 -0.64 9.74 -22.55
C ASP A 238 -1.72 10.65 -21.98
N THR A 239 -2.68 10.09 -21.26
CA THR A 239 -3.82 10.87 -20.87
C THR A 239 -3.42 12.14 -20.12
N TYR A 240 -2.55 12.02 -19.14
CA TYR A 240 -2.04 13.22 -18.54
C TYR A 240 -1.61 14.09 -19.67
N LEU A 241 -0.61 13.61 -20.39
CA LEU A 241 0.03 14.43 -21.39
C LEU A 241 -0.93 15.20 -22.27
N LEU A 242 -2.08 14.61 -22.59
CA LEU A 242 -3.04 15.29 -23.46
C LEU A 242 -3.86 16.35 -22.76
N ARG A 243 -4.23 16.03 -21.52
CA ARG A 243 -4.76 16.97 -20.56
C ARG A 243 -3.77 18.13 -20.42
N MET A 244 -2.50 17.80 -20.28
CA MET A 244 -1.47 18.82 -20.30
C MET A 244 -1.56 19.76 -21.51
N GLU A 245 -1.79 19.21 -22.70
CA GLU A 245 -2.00 20.03 -23.86
C GLU A 245 -3.13 21.01 -23.54
N LYS A 246 -4.30 20.48 -23.21
CA LYS A 246 -5.52 21.26 -22.86
C LYS A 246 -5.28 22.50 -21.99
N GLU A 247 -4.30 22.40 -21.10
CA GLU A 247 -4.00 23.44 -20.13
C GLU A 247 -3.05 24.53 -20.67
N LYS A 248 -2.51 24.29 -21.87
CA LYS A 248 -1.69 25.27 -22.59
C LYS A 248 -2.31 26.71 -22.58
N SER A 249 -3.63 26.78 -22.46
CA SER A 249 -4.36 28.05 -22.46
C SER A 249 -4.42 28.75 -21.09
N ASN A 250 -3.66 28.26 -20.12
CA ASN A 250 -3.76 28.80 -18.78
C ASN A 250 -2.42 29.31 -18.28
N GLN A 251 -2.37 30.61 -18.07
CA GLN A 251 -1.15 31.29 -17.68
C GLN A 251 -0.39 30.53 -16.63
N HIS A 252 -1.10 29.71 -15.87
CA HIS A 252 -0.57 29.20 -14.59
C HIS A 252 -1.02 27.85 -14.04
N THR A 253 -1.54 26.99 -14.92
CA THR A 253 -1.97 25.63 -14.49
C THR A 253 -0.95 24.75 -13.78
N GLU A 254 -1.48 23.63 -13.22
CA GLU A 254 -0.94 22.79 -12.14
C GLU A 254 -0.49 21.41 -12.61
N PHE A 255 -0.68 21.15 -13.91
CA PHE A 255 -0.32 19.88 -14.53
C PHE A 255 0.97 19.97 -15.32
N ASP A 256 2.06 20.28 -14.64
CA ASP A 256 3.34 20.50 -15.31
C ASP A 256 4.10 19.19 -15.45
N HIS A 257 5.28 19.26 -16.04
CA HIS A 257 6.04 18.06 -16.33
C HIS A 257 6.24 17.29 -15.04
N GLN A 258 6.67 17.99 -14.00
CA GLN A 258 7.11 17.23 -12.86
C GLN A 258 5.98 16.67 -12.01
N ASN A 259 4.76 17.19 -12.17
CA ASN A 259 3.70 16.46 -11.53
C ASN A 259 3.33 15.19 -12.22
N LEU A 260 3.65 15.09 -13.50
CA LEU A 260 3.47 13.83 -14.23
C LEU A 260 4.52 12.83 -13.84
N VAL A 261 5.77 13.22 -14.06
CA VAL A 261 6.87 12.30 -13.94
C VAL A 261 6.92 11.73 -12.52
N ILE A 262 6.83 12.58 -11.50
CA ILE A 262 6.89 12.14 -10.12
C ILE A 262 5.66 11.37 -9.70
N SER A 263 4.51 11.74 -10.23
CA SER A 263 3.32 10.95 -9.97
C SER A 263 3.55 9.52 -10.39
N VAL A 264 3.92 9.37 -11.66
CA VAL A 264 4.24 8.06 -12.20
C VAL A 264 5.15 7.36 -11.20
N LEU A 265 6.20 8.04 -10.79
CA LEU A 265 7.10 7.49 -9.81
C LEU A 265 6.37 7.06 -8.56
N SER A 266 5.53 7.94 -8.02
CA SER A 266 4.84 7.69 -6.77
C SER A 266 3.90 6.49 -6.88
N LEU A 267 3.18 6.41 -8.00
CA LEU A 267 2.26 5.30 -8.27
C LEU A 267 2.93 3.94 -8.05
N PHE A 268 4.17 3.84 -8.54
CA PHE A 268 4.98 2.66 -8.35
C PHE A 268 5.31 2.51 -6.91
N PHE A 269 5.71 3.61 -6.31
CA PHE A 269 6.14 3.60 -4.94
C PHE A 269 5.06 3.07 -4.04
N ALA A 270 3.85 3.52 -4.28
CA ALA A 270 2.68 3.00 -3.60
C ALA A 270 2.32 1.57 -4.04
N GLY A 271 2.12 1.40 -5.35
CA GLY A 271 1.47 0.22 -5.87
C GLY A 271 2.19 -1.12 -5.90
N THR A 272 3.34 -1.24 -5.23
CA THR A 272 4.21 -2.43 -5.36
C THR A 272 4.42 -3.24 -4.05
N GLU A 273 5.36 -2.78 -3.24
CA GLU A 273 5.71 -3.45 -2.00
C GLU A 273 4.51 -3.96 -1.21
N THR A 274 3.56 -3.08 -0.94
CA THR A 274 2.44 -3.42 -0.09
C THR A 274 1.60 -4.50 -0.74
N SER A 275 0.99 -4.19 -1.88
CA SER A 275 0.17 -5.20 -2.53
C SER A 275 0.91 -6.52 -2.86
N SER A 276 2.23 -6.51 -3.00
CA SER A 276 2.90 -7.77 -3.17
C SER A 276 2.88 -8.49 -1.84
N THR A 277 3.33 -7.81 -0.79
CA THR A 277 3.39 -8.38 0.55
C THR A 277 2.08 -9.03 0.95
N THR A 278 0.97 -8.32 0.77
CA THR A 278 -0.30 -8.85 1.16
C THR A 278 -0.58 -10.19 0.47
N LEU A 279 -0.11 -10.36 -0.76
CA LEU A 279 -0.22 -11.64 -1.47
C LEU A 279 0.68 -12.71 -0.90
N ARG A 280 1.91 -12.33 -0.61
CA ARG A 280 2.82 -13.27 0.00
C ARG A 280 2.15 -13.79 1.25
N TYR A 281 1.88 -12.89 2.17
CA TYR A 281 1.22 -13.27 3.40
C TYR A 281 -0.10 -14.02 3.15
N GLY A 282 -0.78 -13.66 2.06
CA GLY A 282 -2.04 -14.31 1.73
C GLY A 282 -1.85 -15.79 1.52
N PHE A 283 -0.92 -16.12 0.64
CA PHE A 283 -0.68 -17.50 0.38
C PHE A 283 -0.11 -18.22 1.58
N LEU A 284 0.80 -17.55 2.28
CA LEU A 284 1.36 -18.10 3.51
C LEU A 284 0.27 -18.47 4.52
N LEU A 285 -0.75 -17.62 4.61
CA LEU A 285 -1.86 -17.85 5.51
C LEU A 285 -2.64 -19.05 5.06
N MET A 286 -3.01 -19.03 3.80
CA MET A 286 -3.70 -20.14 3.18
C MET A 286 -3.05 -21.45 3.54
N LEU A 287 -1.74 -21.41 3.76
CA LEU A 287 -1.00 -22.61 4.07
C LEU A 287 -1.26 -23.07 5.49
N LYS A 288 -1.12 -22.16 6.46
CA LYS A 288 -1.37 -22.51 7.86
C LYS A 288 -2.83 -22.93 8.14
N TYR A 289 -3.76 -22.43 7.33
CA TYR A 289 -5.16 -22.84 7.42
C TYR A 289 -5.59 -23.39 6.08
N PRO A 290 -5.08 -24.59 5.74
CA PRO A 290 -5.10 -25.20 4.42
C PRO A 290 -6.50 -25.52 3.97
N HIS A 291 -7.41 -25.38 4.92
CA HIS A 291 -8.80 -25.72 4.79
C HIS A 291 -9.57 -24.46 4.46
N VAL A 292 -9.07 -23.33 4.94
CA VAL A 292 -9.68 -22.08 4.60
C VAL A 292 -9.51 -21.94 3.10
N ALA A 293 -8.33 -22.31 2.63
CA ALA A 293 -8.07 -22.33 1.20
C ALA A 293 -9.00 -23.34 0.53
N GLU A 294 -9.29 -24.44 1.22
CA GLU A 294 -10.27 -25.40 0.72
C GLU A 294 -11.65 -24.76 0.60
N LYS A 295 -12.17 -24.23 1.71
CA LYS A 295 -13.51 -23.61 1.74
C LYS A 295 -13.68 -22.59 0.61
N VAL A 296 -12.61 -21.82 0.35
CA VAL A 296 -12.58 -20.90 -0.76
C VAL A 296 -12.53 -21.65 -2.07
N GLN A 297 -11.65 -22.65 -2.15
CA GLN A 297 -11.52 -23.47 -3.37
C GLN A 297 -12.86 -24.04 -3.86
N LYS A 298 -13.73 -24.45 -2.93
CA LYS A 298 -15.06 -24.95 -3.29
C LYS A 298 -15.94 -23.79 -3.77
N GLU A 299 -15.92 -22.69 -3.04
CA GLU A 299 -16.64 -21.48 -3.44
C GLU A 299 -16.13 -21.01 -4.80
N ILE A 300 -14.82 -21.11 -5.00
CA ILE A 300 -14.21 -20.73 -6.28
C ILE A 300 -14.97 -21.46 -7.39
N ASP A 301 -15.18 -22.76 -7.18
CA ASP A 301 -15.83 -23.63 -8.16
C ASP A 301 -17.28 -23.24 -8.42
N GLN A 302 -18.10 -23.37 -7.38
CA GLN A 302 -19.55 -23.14 -7.46
C GLN A 302 -19.92 -21.96 -8.36
N VAL A 303 -19.13 -20.89 -8.25
CA VAL A 303 -19.45 -19.61 -8.86
C VAL A 303 -18.65 -19.36 -10.15
N ILE A 304 -17.52 -20.04 -10.31
CA ILE A 304 -16.72 -19.91 -11.53
C ILE A 304 -16.51 -21.25 -12.22
N GLY A 305 -15.65 -22.10 -11.66
CA GLY A 305 -15.48 -23.46 -12.17
C GLY A 305 -14.30 -23.71 -13.10
N SER A 306 -14.49 -24.66 -14.01
CA SER A 306 -13.41 -25.22 -14.82
C SER A 306 -12.75 -24.27 -15.85
N HIS A 307 -13.56 -23.67 -16.72
CA HIS A 307 -13.04 -23.05 -17.95
C HIS A 307 -12.78 -21.54 -17.91
N ARG A 308 -13.84 -20.75 -17.74
CA ARG A 308 -13.75 -19.29 -17.87
C ARG A 308 -12.74 -18.48 -17.04
N LEU A 309 -12.63 -17.20 -17.36
CA LEU A 309 -11.76 -16.29 -16.62
C LEU A 309 -12.51 -15.75 -15.41
N PRO A 310 -11.83 -15.72 -14.27
CA PRO A 310 -12.44 -15.20 -13.03
C PRO A 310 -12.77 -13.74 -13.20
N THR A 311 -13.98 -13.34 -12.84
CA THR A 311 -14.39 -11.96 -13.12
C THR A 311 -14.71 -11.19 -11.85
N LEU A 312 -14.57 -9.89 -11.92
CA LEU A 312 -14.89 -8.99 -10.83
C LEU A 312 -16.31 -9.21 -10.36
N GLU A 313 -17.26 -9.31 -11.32
CA GLU A 313 -18.58 -9.76 -10.88
C GLU A 313 -18.52 -11.22 -10.46
N ASP A 314 -17.89 -11.46 -9.31
CA ASP A 314 -17.84 -12.78 -8.69
C ASP A 314 -17.94 -12.45 -7.19
N ARG A 315 -16.93 -11.77 -6.67
CA ARG A 315 -16.86 -11.45 -5.25
C ARG A 315 -18.25 -11.15 -4.66
N THR A 316 -19.11 -10.55 -5.46
CA THR A 316 -20.43 -10.18 -5.03
C THR A 316 -21.21 -11.43 -4.72
N LYS A 317 -21.04 -12.48 -5.54
CA LYS A 317 -21.69 -13.79 -5.32
C LYS A 317 -20.73 -14.80 -4.66
N MET A 318 -19.66 -14.30 -4.04
CA MET A 318 -18.76 -15.12 -3.24
C MET A 318 -18.32 -14.39 -1.99
N PRO A 319 -19.06 -14.57 -0.90
CA PRO A 319 -18.73 -13.92 0.38
C PRO A 319 -17.40 -14.38 0.98
N TYR A 320 -17.25 -15.68 1.22
CA TYR A 320 -16.06 -16.20 1.90
C TYR A 320 -14.76 -15.69 1.28
N THR A 321 -14.58 -15.94 -0.02
CA THR A 321 -13.46 -15.42 -0.77
C THR A 321 -13.07 -14.07 -0.22
N GLU A 322 -13.98 -13.11 -0.35
CA GLU A 322 -13.74 -11.72 0.00
C GLU A 322 -13.56 -11.54 1.48
N ALA A 323 -14.37 -12.23 2.26
CA ALA A 323 -14.23 -12.27 3.70
C ALA A 323 -12.78 -12.58 4.01
N VAL A 324 -12.31 -13.70 3.47
CA VAL A 324 -10.93 -14.13 3.61
C VAL A 324 -10.02 -12.97 3.19
N ILE A 325 -10.24 -12.48 1.97
CA ILE A 325 -9.43 -11.42 1.43
C ILE A 325 -9.35 -10.28 2.43
N TYR A 326 -10.42 -10.06 3.16
CA TYR A 326 -10.40 -9.05 4.18
C TYR A 326 -9.54 -9.50 5.34
N GLU A 327 -9.78 -10.69 5.87
CA GLU A 327 -8.98 -11.10 7.02
C GLU A 327 -7.48 -11.13 6.72
N ILE A 328 -7.11 -11.53 5.51
CA ILE A 328 -5.70 -11.48 5.09
C ILE A 328 -5.17 -10.08 5.29
N GLN A 329 -5.98 -9.10 4.90
CA GLN A 329 -5.60 -7.73 5.04
C GLN A 329 -5.60 -7.28 6.49
N ARG A 330 -6.70 -7.54 7.19
CA ARG A 330 -6.84 -7.15 8.60
C ARG A 330 -5.59 -7.66 9.32
N PHE A 331 -5.47 -8.98 9.36
CA PHE A 331 -4.42 -9.68 10.10
C PHE A 331 -2.98 -9.28 9.78
N SER A 332 -2.69 -9.21 8.47
CA SER A 332 -1.35 -8.93 7.97
C SER A 332 -1.02 -7.45 8.19
N ASP A 333 -2.03 -6.62 8.32
CA ASP A 333 -1.90 -5.23 8.74
C ASP A 333 -0.63 -4.52 8.34
N LEU A 334 -0.49 -4.34 7.03
CA LEU A 334 0.80 -4.07 6.42
C LEU A 334 1.29 -2.63 6.50
N ILE A 335 0.37 -1.68 6.59
CA ILE A 335 0.78 -0.36 7.01
C ILE A 335 0.18 -0.26 8.37
N PRO A 336 1.02 -0.30 9.38
CA PRO A 336 0.48 -0.31 10.72
C PRO A 336 0.43 1.07 11.35
N ILE A 337 1.20 1.98 10.80
CA ILE A 337 1.37 3.25 11.43
C ILE A 337 0.68 4.26 10.56
N GLY A 338 0.05 3.79 9.48
CA GLY A 338 -0.50 4.69 8.45
C GLY A 338 0.55 5.58 7.83
N VAL A 339 0.20 6.30 6.78
CA VAL A 339 1.18 7.23 6.24
C VAL A 339 0.87 8.69 6.64
N PRO A 340 1.85 9.41 7.20
CA PRO A 340 1.73 10.71 7.85
C PRO A 340 0.70 11.74 7.32
N HIS A 341 -0.25 12.12 8.16
CA HIS A 341 -1.06 13.29 7.94
C HIS A 341 -0.45 14.44 8.74
N LYS A 342 -0.98 15.64 8.46
CA LYS A 342 -0.72 16.84 9.25
C LYS A 342 -1.93 17.72 9.08
N VAL A 343 -2.24 18.55 10.05
CA VAL A 343 -3.40 19.39 9.92
C VAL A 343 -3.13 20.65 9.13
N THR A 344 -4.04 20.96 8.24
CA THR A 344 -3.98 22.12 7.38
C THR A 344 -4.01 23.49 8.12
N LYS A 345 -5.01 23.69 8.96
CA LYS A 345 -5.02 24.87 9.80
C LYS A 345 -4.83 24.45 11.24
N ASP A 346 -4.63 25.43 12.09
CA ASP A 346 -4.69 25.13 13.47
C ASP A 346 -5.98 24.37 13.48
N THR A 347 -6.16 23.48 14.43
CA THR A 347 -7.38 22.69 14.47
C THR A 347 -7.76 22.23 15.86
N LEU A 348 -9.06 22.10 16.10
CA LEU A 348 -9.56 21.77 17.42
C LEU A 348 -10.04 20.33 17.50
N PHE A 349 -9.22 19.47 18.11
CA PHE A 349 -9.58 18.08 18.27
C PHE A 349 -9.68 17.67 19.72
N ARG A 350 -10.80 17.05 20.07
CA ARG A 350 -11.05 16.58 21.42
C ARG A 350 -10.61 17.54 22.51
N GLY A 351 -10.80 18.83 22.25
CA GLY A 351 -10.37 19.84 23.19
C GLY A 351 -8.92 20.27 23.02
N TYR A 352 -8.07 19.44 22.45
CA TYR A 352 -6.70 19.91 22.29
C TYR A 352 -6.59 20.69 21.01
N LEU A 353 -5.52 21.46 20.90
CA LEU A 353 -5.32 22.44 19.83
C LEU A 353 -3.99 22.22 19.09
N LEU A 354 -4.07 21.79 17.83
CA LEU A 354 -2.87 21.45 17.07
C LEU A 354 -2.63 22.57 16.10
N PRO A 355 -1.52 23.31 16.23
CA PRO A 355 -1.18 24.38 15.29
C PRO A 355 -1.15 23.91 13.85
N LYS A 356 -1.13 24.82 12.89
CA LYS A 356 -1.05 24.40 11.50
C LYS A 356 0.06 23.34 11.34
N ASN A 357 -0.12 22.38 10.46
CA ASN A 357 0.95 21.40 10.13
C ASN A 357 1.43 20.49 11.25
N THR A 358 0.83 20.59 12.43
CA THR A 358 1.11 19.59 13.45
C THR A 358 0.89 18.22 12.81
N GLU A 359 1.93 17.41 12.86
CA GLU A 359 1.96 16.11 12.20
C GLU A 359 0.98 15.12 12.88
N VAL A 360 0.36 14.19 12.14
CA VAL A 360 -0.45 13.20 12.84
C VAL A 360 -0.48 11.84 12.19
N TYR A 361 -0.05 10.81 12.95
CA TYR A 361 -0.07 9.42 12.51
C TYR A 361 -1.36 8.76 12.96
N PRO A 362 -2.22 8.41 12.01
CA PRO A 362 -3.36 7.57 12.27
C PRO A 362 -2.89 6.14 12.48
N ILE A 363 -2.93 5.67 13.73
CA ILE A 363 -2.50 4.32 14.04
C ILE A 363 -3.60 3.31 13.76
N LEU A 364 -3.76 2.95 12.48
CA LEU A 364 -4.78 2.00 12.07
C LEU A 364 -4.62 0.58 12.63
N SER A 365 -3.40 0.07 12.60
CA SER A 365 -3.08 -1.22 13.20
C SER A 365 -4.01 -1.39 14.44
N SER A 366 -4.15 -0.31 15.20
CA SER A 366 -5.04 -0.23 16.36
C SER A 366 -6.48 -0.43 16.00
N ALA A 367 -6.77 -0.36 14.71
CA ALA A 367 -8.13 -0.52 14.23
C ALA A 367 -8.40 -1.85 13.59
N LEU A 368 -7.38 -2.46 12.98
CA LEU A 368 -7.54 -3.77 12.37
C LEU A 368 -7.49 -4.83 13.47
N HIS A 369 -7.03 -4.41 14.63
CA HIS A 369 -6.94 -5.24 15.79
C HIS A 369 -7.83 -4.68 16.87
N ASP A 370 -8.61 -3.65 16.57
CA ASP A 370 -9.45 -3.06 17.60
C ASP A 370 -10.33 -4.13 18.22
N PRO A 371 -10.20 -4.32 19.55
CA PRO A 371 -10.96 -5.28 20.33
C PRO A 371 -12.43 -4.91 20.37
N GLN A 372 -12.74 -3.67 20.04
CA GLN A 372 -14.12 -3.28 20.10
C GLN A 372 -14.92 -3.73 18.88
N TYR A 373 -14.22 -3.92 17.77
CA TYR A 373 -14.90 -4.28 16.52
C TYR A 373 -14.68 -5.71 16.10
N PHE A 374 -13.71 -6.38 16.71
CA PHE A 374 -13.40 -7.79 16.48
C PHE A 374 -13.14 -8.49 17.81
N GLU A 375 -13.41 -9.79 17.86
CA GLU A 375 -13.13 -10.59 19.06
C GLU A 375 -11.78 -11.27 19.39
N GLN A 376 -11.28 -12.10 18.48
CA GLN A 376 -10.03 -12.78 18.64
C GLN A 376 -9.38 -11.90 17.67
N PRO A 377 -9.09 -10.72 18.13
CA PRO A 377 -8.62 -9.72 17.15
C PRO A 377 -7.25 -10.03 16.56
N ASP A 378 -6.56 -10.96 17.25
CA ASP A 378 -5.14 -11.26 17.05
C ASP A 378 -4.92 -12.54 16.27
N THR A 379 -5.94 -13.38 16.22
CA THR A 379 -5.87 -14.59 15.40
C THR A 379 -6.41 -14.34 14.00
N PHE A 380 -5.93 -15.10 13.03
CA PHE A 380 -6.51 -15.09 11.69
C PHE A 380 -7.82 -15.86 11.71
N ASN A 381 -8.91 -15.27 11.26
CA ASN A 381 -10.23 -15.90 11.46
C ASN A 381 -11.35 -15.20 10.66
N PRO A 382 -11.58 -15.65 9.43
CA PRO A 382 -12.39 -14.92 8.47
C PRO A 382 -13.77 -14.57 9.00
N ASP A 383 -14.27 -15.38 9.96
CA ASP A 383 -15.57 -15.15 10.62
C ASP A 383 -15.56 -13.79 11.32
N HIS A 384 -14.44 -13.08 11.15
CA HIS A 384 -14.34 -11.68 11.47
C HIS A 384 -15.12 -10.82 10.45
N PHE A 385 -15.34 -11.37 9.27
CA PHE A 385 -16.04 -10.65 8.20
C PHE A 385 -17.18 -11.49 7.61
N LEU A 386 -17.62 -12.46 8.39
CA LEU A 386 -18.87 -13.14 8.13
C LEU A 386 -19.89 -12.75 9.20
N ASP A 387 -21.14 -13.10 8.95
CA ASP A 387 -22.17 -13.09 9.99
C ASP A 387 -22.59 -14.54 10.21
N ALA A 388 -23.65 -14.74 10.98
CA ALA A 388 -24.19 -16.08 11.23
C ALA A 388 -24.64 -16.80 9.96
N ASN A 389 -25.44 -16.12 9.12
CA ASN A 389 -25.81 -16.66 7.82
C ASN A 389 -24.70 -16.50 6.77
N GLY A 390 -23.46 -16.43 7.25
CA GLY A 390 -22.25 -16.52 6.43
C GLY A 390 -22.26 -15.74 5.14
N ALA A 391 -22.86 -14.56 5.19
CA ALA A 391 -22.72 -13.57 4.15
C ALA A 391 -21.71 -12.55 4.66
N LEU A 392 -21.21 -11.67 3.79
CA LEU A 392 -20.26 -10.65 4.23
C LEU A 392 -20.78 -9.74 5.33
N LYS A 393 -19.90 -9.40 6.27
CA LYS A 393 -20.21 -8.38 7.28
C LYS A 393 -19.08 -7.36 7.33
N LYS A 394 -19.20 -6.35 6.47
CA LYS A 394 -18.24 -5.24 6.41
C LYS A 394 -18.10 -4.58 7.79
N SER A 395 -16.91 -4.08 8.12
CA SER A 395 -16.75 -3.46 9.44
C SER A 395 -15.97 -2.15 9.42
N GLU A 396 -16.54 -1.18 10.12
CA GLU A 396 -16.08 0.22 10.16
C GLU A 396 -14.65 0.35 10.66
N ALA A 397 -14.06 -0.77 11.10
CA ALA A 397 -12.73 -0.75 11.69
C ALA A 397 -11.72 -1.36 10.74
N PHE A 398 -12.22 -2.12 9.79
CA PHE A 398 -11.43 -2.58 8.65
C PHE A 398 -11.18 -1.37 7.79
N MET A 399 -9.97 -0.82 7.86
CA MET A 399 -9.59 0.29 6.98
C MET A 399 -8.12 0.17 6.66
N PRO A 400 -7.72 -0.93 5.97
CA PRO A 400 -6.32 -1.19 5.64
C PRO A 400 -5.76 -0.15 4.72
N PHE A 401 -6.65 0.59 4.03
CA PHE A 401 -6.29 1.63 3.07
C PHE A 401 -6.38 2.99 3.68
N SER A 402 -6.58 3.07 5.00
CA SER A 402 -6.77 4.36 5.65
C SER A 402 -8.21 4.86 5.51
N ILE A 403 -8.50 6.10 5.89
CA ILE A 403 -9.89 6.50 5.81
C ILE A 403 -10.08 8.00 5.75
N GLY A 404 -10.83 8.46 4.74
CA GLY A 404 -11.19 9.87 4.74
C GLY A 404 -10.64 10.53 3.51
N LYS A 405 -10.34 11.81 3.62
CA LYS A 405 -10.11 12.60 2.41
C LYS A 405 -8.89 12.04 1.69
N ARG A 406 -8.11 11.24 2.39
CA ARG A 406 -6.84 10.82 1.84
C ARG A 406 -6.82 9.38 1.34
N ILE A 407 -7.89 8.66 1.62
CA ILE A 407 -7.86 7.21 1.49
C ILE A 407 -7.14 6.81 0.23
N CYS A 408 -6.40 5.71 0.33
CA CYS A 408 -5.65 5.14 -0.78
C CYS A 408 -6.25 5.36 -2.15
N LEU A 409 -5.45 5.98 -3.03
CA LEU A 409 -5.90 6.36 -4.36
C LEU A 409 -6.18 5.10 -5.16
N GLY A 410 -5.20 4.21 -5.22
CA GLY A 410 -5.39 2.94 -5.91
C GLY A 410 -5.89 1.89 -4.93
N GLU A 411 -7.14 2.02 -4.50
CA GLU A 411 -7.65 1.13 -3.48
C GLU A 411 -8.30 0.13 -4.36
N GLY A 412 -9.22 0.60 -5.17
CA GLY A 412 -9.93 -0.27 -6.12
C GLY A 412 -8.97 -1.24 -6.81
N ILE A 413 -8.03 -0.68 -7.56
CA ILE A 413 -6.99 -1.43 -8.23
C ILE A 413 -6.52 -2.61 -7.36
N ALA A 414 -6.05 -2.31 -6.15
CA ALA A 414 -5.52 -3.35 -5.24
C ALA A 414 -6.58 -4.36 -4.79
N ARG A 415 -7.74 -3.84 -4.40
CA ARG A 415 -8.89 -4.62 -3.98
C ARG A 415 -9.16 -5.69 -5.03
N ASN A 416 -9.19 -5.27 -6.30
CA ASN A 416 -9.36 -6.20 -7.41
C ASN A 416 -8.15 -7.09 -7.55
N GLU A 417 -6.99 -6.45 -7.58
CA GLU A 417 -5.72 -7.14 -7.80
C GLU A 417 -5.70 -8.37 -6.93
N LEU A 418 -5.93 -8.20 -5.61
CA LEU A 418 -5.99 -9.32 -4.67
C LEU A 418 -6.99 -10.37 -5.17
N PHE A 419 -8.27 -10.02 -5.21
CA PHE A 419 -9.29 -10.94 -5.67
C PHE A 419 -9.00 -11.89 -6.85
N LEU A 420 -8.60 -11.32 -7.98
CA LEU A 420 -8.27 -12.11 -9.17
C LEU A 420 -7.04 -12.93 -8.92
N PHE A 421 -5.91 -12.27 -8.69
CA PHE A 421 -4.68 -12.99 -8.42
C PHE A 421 -4.92 -14.13 -7.44
N PHE A 422 -5.77 -13.87 -6.46
CA PHE A 422 -6.04 -14.86 -5.44
C PHE A 422 -6.92 -16.00 -5.94
N THR A 423 -7.89 -15.67 -6.77
CA THR A 423 -8.83 -16.65 -7.25
C THR A 423 -8.25 -17.38 -8.43
N THR A 424 -7.50 -16.65 -9.27
CA THR A 424 -6.97 -17.20 -10.50
C THR A 424 -5.88 -18.23 -10.23
N ILE A 425 -5.14 -18.03 -9.15
CA ILE A 425 -4.26 -19.07 -8.61
C ILE A 425 -5.12 -20.20 -8.07
N LEU A 426 -5.79 -19.96 -6.94
CA LEU A 426 -6.59 -20.97 -6.25
C LEU A 426 -7.65 -21.63 -7.13
N GLN A 427 -7.90 -21.11 -8.33
CA GLN A 427 -8.70 -21.85 -9.31
C GLN A 427 -7.90 -23.05 -9.70
N ASN A 428 -6.61 -22.82 -10.34
CA ASN A 428 -5.69 -23.78 -11.02
C ASN A 428 -4.88 -24.96 -10.26
N PHE A 429 -4.40 -24.99 -9.04
CA PHE A 429 -3.15 -25.39 -8.40
C PHE A 429 -3.35 -25.33 -6.89
N SER A 430 -3.14 -26.45 -6.20
CA SER A 430 -3.46 -26.51 -4.79
C SER A 430 -2.18 -26.43 -3.97
N LEU A 431 -2.11 -25.36 -3.18
CA LEU A 431 -1.01 -25.12 -2.24
C LEU A 431 -0.59 -26.40 -1.47
N SER A 432 0.72 -26.65 -1.41
CA SER A 432 1.28 -27.76 -0.61
C SER A 432 2.75 -27.44 -0.33
N SER A 433 3.06 -27.12 0.92
CA SER A 433 4.42 -26.64 1.31
C SER A 433 5.19 -27.60 2.20
N PRO A 434 6.50 -27.67 2.02
CA PRO A 434 7.34 -28.54 2.86
C PRO A 434 7.11 -28.27 4.34
N VAL A 435 7.19 -26.97 4.65
CA VAL A 435 6.93 -26.43 5.96
C VAL A 435 5.63 -26.99 6.45
N ALA A 436 5.69 -27.55 7.65
CA ALA A 436 4.56 -28.18 8.31
C ALA A 436 3.55 -27.16 8.79
N PRO A 437 2.30 -27.39 8.41
CA PRO A 437 1.18 -26.52 8.78
C PRO A 437 1.04 -26.37 10.30
N LYS A 438 1.48 -27.34 10.99
CA LYS A 438 1.38 -27.23 12.44
C LYS A 438 1.99 -25.92 12.92
N ASP A 439 3.24 -25.67 12.55
CA ASP A 439 3.95 -24.47 13.00
C ASP A 439 4.62 -23.70 11.87
N ILE A 440 3.80 -23.11 11.01
CA ILE A 440 4.24 -22.04 10.15
C ILE A 440 4.33 -20.80 11.03
N ASP A 441 5.41 -20.04 10.89
CA ASP A 441 5.59 -18.86 11.73
C ASP A 441 5.22 -17.56 11.01
N LEU A 442 4.12 -16.97 11.45
CA LEU A 442 3.58 -15.75 10.90
C LEU A 442 4.35 -14.52 11.40
N SER A 443 5.35 -14.75 12.26
CA SER A 443 6.31 -13.71 12.66
C SER A 443 6.87 -13.12 11.37
N PRO A 444 6.99 -11.80 11.26
CA PRO A 444 7.69 -11.24 10.08
C PRO A 444 9.23 -11.41 10.14
N LYS A 445 9.94 -11.45 9.00
CA LYS A 445 11.41 -11.57 9.04
C LYS A 445 12.10 -10.49 9.89
N GLU A 446 11.60 -9.25 9.68
CA GLU A 446 11.82 -8.01 10.47
C GLU A 446 10.75 -6.88 10.21
N SER A 447 10.81 -5.75 10.87
CA SER A 447 9.75 -4.79 10.67
C SER A 447 10.24 -3.61 9.85
N GLY A 448 11.24 -2.91 10.36
CA GLY A 448 11.62 -1.67 9.74
C GLY A 448 10.31 -0.98 9.51
N PHE A 449 9.45 -1.00 10.51
CA PHE A 449 8.14 -0.38 10.40
C PHE A 449 7.46 -0.85 9.15
N GLY A 450 7.76 -2.07 8.71
CA GLY A 450 7.13 -2.62 7.54
C GLY A 450 7.23 -4.13 7.51
N LYS A 451 6.65 -4.79 8.52
CA LYS A 451 6.72 -6.23 8.56
C LYS A 451 6.70 -6.82 7.17
N VAL A 452 7.56 -7.81 6.91
CA VAL A 452 7.36 -8.74 5.81
C VAL A 452 7.38 -10.16 6.35
N PRO A 453 6.52 -11.02 5.82
CA PRO A 453 6.44 -12.37 6.39
C PRO A 453 7.75 -13.19 6.32
N GLN A 454 8.00 -14.03 7.33
CA GLN A 454 9.19 -14.88 7.34
C GLN A 454 9.18 -15.60 6.00
N THR A 455 10.35 -15.69 5.35
CA THR A 455 10.44 -16.19 3.96
C THR A 455 10.12 -17.70 3.82
N TYR A 456 9.31 -18.03 2.82
CA TYR A 456 8.63 -19.31 2.80
C TYR A 456 8.55 -19.98 1.44
N GLN A 457 8.20 -21.27 1.45
CA GLN A 457 8.13 -22.08 0.25
C GLN A 457 6.94 -23.05 0.23
N ILE A 458 6.19 -22.98 -0.86
CA ILE A 458 5.08 -23.87 -1.13
C ILE A 458 5.11 -24.32 -2.59
N CYS A 459 4.50 -25.46 -2.86
CA CYS A 459 4.45 -26.06 -4.18
C CYS A 459 3.09 -25.72 -4.77
N PHE A 460 2.94 -25.92 -6.07
CA PHE A 460 1.66 -25.69 -6.72
C PHE A 460 1.21 -26.91 -7.52
N LEU A 461 0.48 -27.82 -6.88
CA LEU A 461 0.01 -29.05 -7.55
C LEU A 461 -1.29 -28.77 -8.35
N ALA A 462 -1.18 -28.84 -9.71
CA ALA A 462 -2.20 -28.28 -10.65
C ALA A 462 -3.60 -28.93 -10.63
N ARG A 463 -4.61 -28.19 -11.13
CA ARG A 463 -6.00 -28.67 -11.32
C ARG A 463 -6.67 -29.29 -10.08
#